data_6FTF
#
_entry.id   6FTF
#
_cell.length_a   40.846
_cell.length_b   89.066
_cell.length_c   45.634
_cell.angle_alpha   90.000
_cell.angle_beta   98.182
_cell.angle_gamma   90.000
#
_symmetry.space_group_name_H-M   'P 1 21 1'
#
loop_
_entity.id
_entity.type
_entity.pdbx_description
1 polymer 'Protein kinase A regulatory subunit, putative'
2 non-polymer 1,2-ETHANEDIOL
3 non-polymer 7-cyano-7-deazainosine
4 water water
#
_entity_poly.entity_id   1
_entity_poly.type   'polypeptide(L)'
_entity_poly.pdbx_seq_one_letter_code
;GRNRRRTVRSEGIDPEKAKLYQAPYFEKSEDEMNLITKLLTHNVLFSFLNTKDIKVVAGAMQRATFKHDDCIMEAGQTTC
NKLYIIQSGHADIIKEGQKVYLKTEGTAVGELELMYDTPVVATVKVCTDELIAWVLDRDTYRNLVMGTAIRRRETYIQFL
ANVPFLGGLDSYEKLQLADALSSEEFSPGEYIIHYGEEGEWLYIIMEGTVEVIGRDADGEPTKVCEFTQGDHIGELEFLN
NHRTVADVVATTHVITAKLNRRHFEMCLGPVIDVLKRCADDPKYEYYQNVLKTGAAQPSYVDDV
;
_entity_poly.pdbx_strand_id   B
#
loop_
_chem_comp.id
_chem_comp.type
_chem_comp.name
_chem_comp.formula
7CI non-polymer 7-cyano-7-deazainosine 'C12 H12 N4 O5'
EDO non-polymer 1,2-ETHANEDIOL 'C2 H6 O2'
#
# COMPACT_ATOMS: atom_id res chain seq x y z
N GLY A 12 22.69 -3.51 -4.35
CA GLY A 12 22.09 -2.45 -5.15
C GLY A 12 22.97 -1.24 -5.40
N ILE A 13 22.35 -0.14 -5.82
CA ILE A 13 23.10 1.05 -6.20
C ILE A 13 23.64 1.74 -4.96
N ASP A 14 24.92 2.10 -4.99
CA ASP A 14 25.55 2.90 -3.96
C ASP A 14 24.77 4.20 -3.80
N PRO A 15 24.30 4.55 -2.59
CA PRO A 15 23.51 5.79 -2.45
C PRO A 15 24.26 7.06 -2.82
N GLU A 16 25.56 7.13 -2.55
CA GLU A 16 26.33 8.31 -2.92
C GLU A 16 26.41 8.45 -4.43
N LYS A 17 26.38 7.34 -5.16
CA LYS A 17 26.37 7.38 -6.62
C LYS A 17 24.98 7.66 -7.17
N ALA A 18 23.94 7.16 -6.51
CA ALA A 18 22.59 7.44 -6.97
C ALA A 18 22.29 8.94 -7.00
N LYS A 19 22.92 9.70 -6.10
CA LYS A 19 22.73 11.15 -6.09
C LYS A 19 23.27 11.83 -7.33
N LEU A 20 24.18 11.17 -8.05
CA LEU A 20 24.74 11.70 -9.29
C LEU A 20 23.97 11.25 -10.52
N TYR A 21 22.91 10.45 -10.36
CA TYR A 21 22.12 9.98 -11.49
C TYR A 21 21.04 11.00 -11.81
N GLN A 22 20.96 11.39 -13.08
CA GLN A 22 19.90 12.26 -13.57
C GLN A 22 18.95 11.41 -14.42
N ALA A 23 17.70 11.35 -14.01
CA ALA A 23 16.72 10.62 -14.77
C ALA A 23 16.42 11.34 -16.09
N PRO A 24 16.01 10.60 -17.12
CA PRO A 24 15.52 11.26 -18.33
C PRO A 24 14.26 12.05 -18.01
N TYR A 25 14.01 13.07 -18.81
CA TYR A 25 12.80 13.87 -18.69
C TYR A 25 12.15 13.95 -20.05
N PHE A 26 10.94 13.44 -20.14
CA PHE A 26 10.11 13.58 -21.34
C PHE A 26 9.00 14.55 -20.96
N GLU A 27 8.96 15.69 -21.62
CA GLU A 27 8.15 16.80 -21.15
C GLU A 27 6.70 16.37 -20.95
N LYS A 28 6.13 16.79 -19.82
CA LYS A 28 4.77 16.43 -19.43
C LYS A 28 3.97 17.71 -19.28
N SER A 29 2.70 17.66 -19.68
CA SER A 29 1.78 18.72 -19.34
C SER A 29 1.41 18.61 -17.85
N GLU A 30 0.81 19.68 -17.32
CA GLU A 30 0.34 19.63 -15.94
C GLU A 30 -0.67 18.50 -15.74
N ASP A 31 -1.58 18.33 -16.70
CA ASP A 31 -2.59 17.28 -16.57
C ASP A 31 -1.95 15.90 -16.62
N GLU A 32 -0.94 15.70 -17.48
CA GLU A 32 -0.24 14.41 -17.49
C GLU A 32 0.49 14.17 -16.17
N MET A 33 1.16 15.21 -15.65
N MET A 33 1.17 15.19 -15.65
CA MET A 33 1.86 15.07 -14.38
CA MET A 33 1.84 15.06 -14.37
C MET A 33 0.89 14.72 -13.26
C MET A 33 0.85 14.66 -13.29
N ASN A 34 -0.31 15.32 -13.25
CA ASN A 34 -1.30 14.99 -12.24
C ASN A 34 -1.73 13.53 -12.33
N LEU A 35 -2.02 13.06 -13.56
CA LEU A 35 -2.46 11.69 -13.75
C LEU A 35 -1.39 10.70 -13.29
N ILE A 36 -0.17 10.90 -13.75
CA ILE A 36 0.89 9.94 -13.46
C ILE A 36 1.23 9.96 -11.98
N THR A 37 1.34 11.15 -11.39
N THR A 37 1.37 11.18 -11.42
CA THR A 37 1.72 11.17 -9.98
CA THR A 37 1.67 11.31 -10.00
C THR A 37 0.64 10.56 -9.10
C THR A 37 0.66 10.56 -9.16
N LYS A 38 -0.63 10.66 -9.49
CA LYS A 38 -1.66 9.98 -8.74
C LYS A 38 -1.47 8.46 -8.80
N LEU A 39 -1.13 7.93 -9.99
CA LEU A 39 -0.84 6.50 -10.06
C LEU A 39 0.32 6.15 -9.14
N LEU A 40 1.38 6.94 -9.16
CA LEU A 40 2.56 6.62 -8.38
C LEU A 40 2.29 6.70 -6.89
N THR A 41 1.54 7.70 -6.44
CA THR A 41 1.34 7.87 -5.01
C THR A 41 0.40 6.84 -4.41
N HIS A 42 -0.32 6.08 -5.23
CA HIS A 42 -1.15 5.00 -4.72
C HIS A 42 -0.56 3.63 -4.97
N ASN A 43 0.60 3.55 -5.60
CA ASN A 43 1.25 2.27 -5.88
C ASN A 43 2.38 2.04 -4.89
N VAL A 44 2.39 0.87 -4.26
CA VAL A 44 3.29 0.63 -3.14
C VAL A 44 4.76 0.72 -3.49
N LEU A 45 5.15 0.57 -4.76
CA LEU A 45 6.57 0.62 -5.11
C LEU A 45 7.17 2.00 -4.89
N PHE A 46 6.35 3.03 -4.76
CA PHE A 46 6.82 4.41 -4.64
C PHE A 46 6.50 5.00 -3.27
N SER A 47 6.17 4.16 -2.30
CA SER A 47 5.57 4.59 -1.04
C SER A 47 6.40 5.62 -0.30
N PHE A 48 7.73 5.48 -0.30
CA PHE A 48 8.58 6.32 0.53
C PHE A 48 9.35 7.36 -0.27
N LEU A 49 8.95 7.64 -1.50
CA LEU A 49 9.50 8.76 -2.24
C LEU A 49 8.79 10.05 -1.86
N ASN A 50 9.55 11.13 -1.78
CA ASN A 50 8.96 12.43 -1.53
C ASN A 50 8.39 13.03 -2.81
N THR A 51 7.71 14.17 -2.67
CA THR A 51 6.99 14.75 -3.80
C THR A 51 7.93 15.10 -4.95
N LYS A 52 9.09 15.69 -4.65
CA LYS A 52 10.03 16.03 -5.70
C LYS A 52 10.42 14.79 -6.49
N ASP A 53 10.74 13.71 -5.78
CA ASP A 53 11.20 12.49 -6.44
C ASP A 53 10.09 11.78 -7.20
N ILE A 54 8.87 11.78 -6.66
CA ILE A 54 7.71 11.27 -7.40
C ILE A 54 7.60 11.97 -8.74
N LYS A 55 7.76 13.30 -8.75
CA LYS A 55 7.59 14.05 -9.99
C LYS A 55 8.76 13.80 -10.95
N VAL A 56 9.98 13.57 -10.44
CA VAL A 56 11.08 13.18 -11.30
C VAL A 56 10.77 11.86 -11.99
N VAL A 57 10.31 10.88 -11.23
CA VAL A 57 9.98 9.57 -11.79
C VAL A 57 8.88 9.73 -12.84
N ALA A 58 7.83 10.49 -12.53
CA ALA A 58 6.77 10.73 -13.49
C ALA A 58 7.31 11.33 -14.78
N GLY A 59 8.20 12.30 -14.66
CA GLY A 59 8.79 12.91 -15.83
C GLY A 59 9.56 11.94 -16.69
N ALA A 60 10.12 10.90 -16.08
CA ALA A 60 10.92 9.92 -16.80
C ALA A 60 10.08 8.87 -17.50
N MET A 61 8.79 8.78 -17.22
N MET A 61 8.78 8.84 -17.27
CA MET A 61 7.96 7.71 -17.79
CA MET A 61 7.95 7.79 -17.83
C MET A 61 7.41 8.10 -19.17
C MET A 61 7.46 8.13 -19.22
N GLN A 62 7.21 7.07 -19.99
CA GLN A 62 6.68 7.19 -21.34
C GLN A 62 5.45 6.31 -21.46
N ARG A 63 4.53 6.69 -22.33
CA ARG A 63 3.27 5.97 -22.44
C ARG A 63 3.37 4.84 -23.46
N ALA A 64 2.73 3.72 -23.15
CA ALA A 64 2.62 2.60 -24.08
C ALA A 64 1.20 2.07 -24.04
N THR A 65 0.75 1.50 -25.16
CA THR A 65 -0.58 0.91 -25.19
C THR A 65 -0.48 -0.48 -25.78
N PHE A 66 -1.47 -1.30 -25.42
CA PHE A 66 -1.56 -2.69 -25.78
C PHE A 66 -3.02 -3.04 -26.02
N LYS A 67 -3.23 -4.15 -26.73
CA LYS A 67 -4.56 -4.66 -27.03
C LYS A 67 -4.76 -6.04 -26.41
N HIS A 68 -6.02 -6.45 -26.33
CA HIS A 68 -6.37 -7.78 -25.86
C HIS A 68 -5.45 -8.82 -26.49
N ASP A 69 -4.93 -9.73 -25.66
CA ASP A 69 -4.06 -10.85 -26.00
C ASP A 69 -2.62 -10.45 -26.29
N ASP A 70 -2.27 -9.17 -26.32
CA ASP A 70 -0.87 -8.80 -26.38
C ASP A 70 -0.18 -9.21 -25.09
N CYS A 71 1.08 -9.64 -25.20
CA CYS A 71 1.91 -9.88 -24.03
C CYS A 71 2.79 -8.66 -23.78
N ILE A 72 2.64 -8.06 -22.61
CA ILE A 72 3.53 -6.97 -22.21
C ILE A 72 4.95 -7.51 -22.04
N MET A 73 5.08 -8.70 -21.47
CA MET A 73 6.35 -9.39 -21.30
C MET A 73 6.03 -10.88 -21.25
N GLU A 74 7.03 -11.69 -21.56
CA GLU A 74 6.87 -13.14 -21.65
C GLU A 74 7.92 -13.84 -20.82
N ALA A 75 7.50 -14.91 -20.16
CA ALA A 75 8.40 -15.67 -19.31
C ALA A 75 9.68 -16.00 -20.07
N GLY A 76 10.83 -15.73 -19.43
CA GLY A 76 12.13 -16.03 -19.99
C GLY A 76 12.83 -14.86 -20.65
N GLN A 77 12.10 -13.79 -20.96
N GLN A 77 12.09 -13.80 -20.99
CA GLN A 77 12.64 -12.66 -21.70
CA GLN A 77 12.69 -12.70 -21.72
C GLN A 77 13.71 -11.94 -20.90
C GLN A 77 13.74 -11.98 -20.89
N THR A 78 14.81 -11.56 -21.57
CA THR A 78 15.87 -10.75 -20.97
C THR A 78 15.92 -9.35 -21.56
N THR A 79 14.96 -9.00 -22.41
CA THR A 79 14.95 -7.75 -23.15
C THR A 79 13.87 -6.78 -22.70
N CYS A 80 13.23 -7.06 -21.57
CA CYS A 80 12.21 -6.15 -21.05
C CYS A 80 12.88 -5.09 -20.19
N ASN A 81 13.15 -5.40 -18.93
CA ASN A 81 13.90 -4.50 -18.05
C ASN A 81 13.20 -3.16 -17.90
N LYS A 82 11.87 -3.17 -17.97
CA LYS A 82 11.06 -1.96 -17.83
C LYS A 82 9.99 -2.22 -16.79
N LEU A 83 9.55 -1.14 -16.14
CA LEU A 83 8.47 -1.17 -15.16
C LEU A 83 7.24 -0.50 -15.78
N TYR A 84 6.11 -1.19 -15.78
CA TYR A 84 4.88 -0.68 -16.35
C TYR A 84 3.90 -0.41 -15.22
N ILE A 85 3.36 0.80 -15.15
N ILE A 85 3.35 0.80 -15.16
CA ILE A 85 2.30 1.14 -14.21
CA ILE A 85 2.29 1.13 -14.21
C ILE A 85 1.03 1.32 -15.04
C ILE A 85 1.01 1.37 -15.00
N ILE A 86 0.00 0.57 -14.72
CA ILE A 86 -1.21 0.52 -15.55
C ILE A 86 -2.09 1.72 -15.26
N GLN A 87 -2.39 2.50 -16.29
CA GLN A 87 -3.39 3.56 -16.21
C GLN A 87 -4.80 2.99 -16.30
N SER A 88 -5.03 2.10 -17.27
CA SER A 88 -6.34 1.47 -17.41
C SER A 88 -6.14 0.16 -18.16
N GLY A 89 -7.05 -0.76 -17.93
CA GLY A 89 -6.96 -2.09 -18.49
C GLY A 89 -6.48 -3.11 -17.46
N HIS A 90 -6.61 -4.37 -17.83
CA HIS A 90 -6.24 -5.48 -16.96
C HIS A 90 -5.35 -6.44 -17.72
N ALA A 91 -4.53 -7.18 -16.96
CA ALA A 91 -3.68 -8.21 -17.57
C ALA A 91 -3.60 -9.41 -16.65
N ASP A 92 -3.54 -10.58 -17.28
CA ASP A 92 -3.34 -11.83 -16.56
C ASP A 92 -1.85 -12.08 -16.37
N ILE A 93 -1.50 -12.60 -15.19
CA ILE A 93 -0.19 -13.16 -14.91
C ILE A 93 -0.29 -14.65 -15.11
N ILE A 94 0.51 -15.18 -16.04
CA ILE A 94 0.42 -16.58 -16.46
C ILE A 94 1.74 -17.26 -16.15
N LYS A 95 1.67 -18.31 -15.33
CA LYS A 95 2.81 -19.16 -15.02
C LYS A 95 2.52 -20.57 -15.49
N GLU A 96 3.45 -21.14 -16.24
CA GLU A 96 3.32 -22.51 -16.77
C GLU A 96 1.91 -22.74 -17.31
N GLY A 97 1.42 -21.76 -18.07
CA GLY A 97 0.13 -21.86 -18.71
C GLY A 97 -1.06 -21.63 -17.80
N GLN A 98 -0.85 -21.33 -16.52
CA GLN A 98 -1.93 -21.13 -15.57
C GLN A 98 -2.03 -19.65 -15.21
N LYS A 99 -3.24 -19.10 -15.27
CA LYS A 99 -3.48 -17.75 -14.77
C LYS A 99 -3.42 -17.78 -13.25
N VAL A 100 -2.50 -17.01 -12.67
CA VAL A 100 -2.30 -17.01 -11.23
C VAL A 100 -2.64 -15.69 -10.56
N TYR A 101 -2.82 -14.60 -11.31
CA TYR A 101 -3.09 -13.31 -10.69
C TYR A 101 -3.65 -12.39 -11.76
N LEU A 102 -4.43 -11.40 -11.33
CA LEU A 102 -5.00 -10.41 -12.24
C LEU A 102 -4.50 -9.03 -11.84
N LYS A 103 -3.78 -8.37 -12.75
CA LYS A 103 -3.31 -7.01 -12.54
C LYS A 103 -4.34 -6.02 -13.10
N THR A 104 -4.71 -5.04 -12.29
CA THR A 104 -5.76 -4.10 -12.65
C THR A 104 -5.20 -2.67 -12.60
N GLU A 105 -6.07 -1.70 -12.78
CA GLU A 105 -5.61 -0.34 -12.91
C GLU A 105 -4.83 0.09 -11.67
N GLY A 106 -3.74 0.82 -11.91
CA GLY A 106 -2.91 1.34 -10.86
C GLY A 106 -1.79 0.42 -10.42
N THR A 107 -1.83 -0.83 -10.81
CA THR A 107 -0.83 -1.80 -10.41
C THR A 107 0.34 -1.80 -11.38
N ALA A 108 1.42 -2.44 -10.94
CA ALA A 108 2.67 -2.50 -11.69
C ALA A 108 2.95 -3.92 -12.18
N VAL A 109 3.64 -4.01 -13.31
CA VAL A 109 4.27 -5.24 -13.75
C VAL A 109 5.72 -4.96 -14.14
N GLY A 110 6.57 -5.95 -13.90
CA GLY A 110 7.99 -5.85 -14.17
C GLY A 110 8.85 -5.59 -12.96
N GLU A 111 8.22 -5.37 -11.81
CA GLU A 111 8.99 -5.03 -10.62
C GLU A 111 9.77 -6.21 -10.06
N LEU A 112 9.27 -7.42 -10.23
N LEU A 112 9.26 -7.44 -10.20
CA LEU A 112 9.97 -8.58 -9.73
CA LEU A 112 10.02 -8.58 -9.69
C LEU A 112 11.33 -8.71 -10.39
C LEU A 112 11.37 -8.66 -10.39
N GLU A 113 11.36 -8.50 -11.70
CA GLU A 113 12.58 -8.61 -12.48
C GLU A 113 13.56 -7.50 -12.16
N LEU A 114 13.06 -6.27 -11.95
CA LEU A 114 13.93 -5.14 -11.65
C LEU A 114 14.47 -5.21 -10.24
N MET A 115 13.64 -5.61 -9.28
CA MET A 115 14.09 -5.68 -7.89
CA MET A 115 14.09 -5.68 -7.90
C MET A 115 15.09 -6.81 -7.68
N TYR A 116 14.90 -7.93 -8.34
CA TYR A 116 15.69 -9.13 -8.08
C TYR A 116 16.61 -9.54 -9.22
N ASP A 117 16.67 -8.73 -10.29
CA ASP A 117 17.64 -8.89 -11.37
CA ASP A 117 17.65 -8.89 -11.36
C ASP A 117 17.58 -10.30 -11.96
N THR A 118 16.43 -10.61 -12.55
CA THR A 118 16.22 -11.92 -13.11
C THR A 118 15.39 -11.80 -14.39
N PRO A 119 15.51 -12.76 -15.31
CA PRO A 119 14.65 -12.71 -16.51
C PRO A 119 13.19 -12.82 -16.12
N VAL A 120 12.33 -12.43 -17.06
CA VAL A 120 10.89 -12.38 -16.78
C VAL A 120 10.42 -13.71 -16.22
N VAL A 121 9.75 -13.64 -15.06
CA VAL A 121 9.32 -14.85 -14.37
C VAL A 121 8.01 -15.38 -14.94
N ALA A 122 7.05 -14.50 -15.21
CA ALA A 122 5.72 -14.90 -15.67
C ALA A 122 5.33 -14.06 -16.88
N THR A 123 4.51 -14.64 -17.74
CA THR A 123 3.95 -13.91 -18.86
C THR A 123 2.84 -12.99 -18.38
N VAL A 124 2.81 -11.79 -18.96
CA VAL A 124 1.80 -10.77 -18.64
C VAL A 124 1.00 -10.53 -19.91
N LYS A 125 -0.28 -10.90 -19.90
CA LYS A 125 -1.08 -10.93 -21.12
C LYS A 125 -2.35 -10.11 -20.91
N VAL A 126 -2.56 -9.11 -21.79
CA VAL A 126 -3.67 -8.19 -21.63
C VAL A 126 -5.00 -8.92 -21.81
N CYS A 127 -5.96 -8.65 -20.93
CA CYS A 127 -7.24 -9.34 -21.00
C CYS A 127 -8.44 -8.41 -21.08
N THR A 128 -8.21 -7.11 -21.19
CA THR A 128 -9.24 -6.16 -21.59
C THR A 128 -9.02 -5.80 -23.05
N ASP A 129 -9.97 -5.03 -23.61
CA ASP A 129 -9.85 -4.65 -25.01
C ASP A 129 -8.57 -3.87 -25.28
N GLU A 130 -8.25 -2.92 -24.39
CA GLU A 130 -7.02 -2.14 -24.46
C GLU A 130 -6.41 -2.05 -23.07
N LEU A 131 -5.14 -1.69 -23.04
CA LEU A 131 -4.45 -1.37 -21.79
C LEU A 131 -3.50 -0.21 -22.09
N ILE A 132 -3.51 0.78 -21.21
CA ILE A 132 -2.63 1.94 -21.29
C ILE A 132 -1.73 1.91 -20.08
N ALA A 133 -0.43 2.06 -20.29
CA ALA A 133 0.54 2.03 -19.21
C ALA A 133 1.54 3.16 -19.34
N TRP A 134 2.15 3.50 -18.21
CA TRP A 134 3.29 4.41 -18.16
C TRP A 134 4.52 3.58 -17.79
N VAL A 135 5.62 3.81 -18.50
CA VAL A 135 6.75 2.89 -18.51
C VAL A 135 8.01 3.61 -18.02
N LEU A 136 8.69 2.97 -17.08
CA LEU A 136 9.91 3.49 -16.48
C LEU A 136 11.09 2.59 -16.83
N ASP A 137 12.23 3.20 -17.10
CA ASP A 137 13.45 2.48 -17.43
C ASP A 137 14.11 1.90 -16.19
N ARG A 138 14.94 0.87 -16.42
CA ARG A 138 15.62 0.17 -15.35
C ARG A 138 16.49 1.09 -14.51
N ASP A 139 17.30 1.94 -15.15
CA ASP A 139 18.26 2.74 -14.39
C ASP A 139 17.55 3.71 -13.47
N THR A 140 16.46 4.32 -13.94
CA THR A 140 15.74 5.22 -13.05
C THR A 140 15.12 4.44 -11.90
N TYR A 141 14.53 3.28 -12.18
CA TYR A 141 14.00 2.47 -11.10
C TYR A 141 15.09 2.14 -10.08
N ARG A 142 16.24 1.66 -10.55
CA ARG A 142 17.27 1.20 -9.60
C ARG A 142 17.90 2.36 -8.84
N ASN A 143 18.07 3.51 -9.49
CA ASN A 143 18.76 4.62 -8.84
C ASN A 143 17.84 5.46 -7.98
N LEU A 144 16.59 5.67 -8.40
CA LEU A 144 15.72 6.61 -7.73
C LEU A 144 14.57 5.99 -6.96
N VAL A 145 14.15 4.78 -7.30
CA VAL A 145 12.96 4.19 -6.69
C VAL A 145 13.30 3.10 -5.70
N MET A 146 14.12 2.15 -6.11
CA MET A 146 14.22 0.89 -5.35
C MET A 146 14.64 1.14 -3.91
N GLY A 147 15.67 1.94 -3.71
CA GLY A 147 16.04 2.30 -2.35
C GLY A 147 16.26 1.08 -1.50
N THR A 148 15.66 1.10 -0.30
CA THR A 148 15.79 0.03 0.67
C THR A 148 14.69 -1.02 0.58
N ALA A 149 14.16 -1.27 -0.62
CA ALA A 149 13.02 -2.16 -0.78
C ALA A 149 13.28 -3.53 -0.20
N ILE A 150 14.45 -4.11 -0.45
CA ILE A 150 14.71 -5.46 0.03
C ILE A 150 14.80 -5.49 1.55
N ARG A 151 15.47 -4.50 2.15
CA ARG A 151 15.55 -4.40 3.60
C ARG A 151 14.17 -4.25 4.21
N ARG A 152 13.32 -3.43 3.59
CA ARG A 152 11.98 -3.23 4.12
C ARG A 152 11.19 -4.51 4.09
N ARG A 153 11.28 -5.24 2.99
CA ARG A 153 10.61 -6.55 2.92
C ARG A 153 11.13 -7.49 4.01
N GLU A 154 12.45 -7.51 4.24
CA GLU A 154 13.01 -8.34 5.32
C GLU A 154 12.48 -7.92 6.68
N THR A 155 12.24 -6.63 6.87
CA THR A 155 11.80 -6.14 8.17
C THR A 155 10.45 -6.72 8.54
N TYR A 156 9.56 -6.90 7.56
CA TYR A 156 8.18 -7.25 7.86
C TYR A 156 7.72 -8.65 7.48
N ILE A 157 8.35 -9.34 6.52
CA ILE A 157 7.68 -10.51 5.93
C ILE A 157 7.45 -11.62 6.96
N GLN A 158 8.43 -11.90 7.82
CA GLN A 158 8.24 -12.98 8.80
C GLN A 158 7.11 -12.65 9.78
N PHE A 159 7.02 -11.39 10.19
CA PHE A 159 5.91 -10.96 11.05
C PHE A 159 4.58 -11.09 10.33
N LEU A 160 4.50 -10.60 9.10
CA LEU A 160 3.23 -10.62 8.38
C LEU A 160 2.74 -12.04 8.16
N ALA A 161 3.66 -12.98 8.01
CA ALA A 161 3.33 -14.40 7.88
C ALA A 161 2.71 -14.98 9.14
N ASN A 162 2.68 -14.23 10.22
CA ASN A 162 2.11 -14.71 11.48
C ASN A 162 0.91 -13.88 11.92
N VAL A 163 0.42 -12.95 11.10
CA VAL A 163 -0.67 -12.06 11.46
C VAL A 163 -2.00 -12.69 11.02
N PRO A 164 -2.95 -12.95 11.94
CA PRO A 164 -4.18 -13.67 11.52
C PRO A 164 -4.94 -13.03 10.36
N PHE A 165 -5.18 -11.72 10.37
CA PHE A 165 -6.06 -11.16 9.36
C PHE A 165 -5.41 -11.13 7.99
N LEU A 166 -4.11 -11.42 7.89
CA LEU A 166 -3.41 -11.46 6.62
C LEU A 166 -3.21 -12.89 6.10
N GLY A 167 -3.80 -13.88 6.77
CA GLY A 167 -3.54 -15.26 6.41
C GLY A 167 -3.99 -15.64 5.03
N GLY A 168 -4.93 -14.91 4.47
CA GLY A 168 -5.38 -15.18 3.11
C GLY A 168 -4.50 -14.61 2.02
N LEU A 169 -3.56 -13.71 2.35
CA LEU A 169 -2.63 -13.17 1.36
C LEU A 169 -1.52 -14.18 1.08
N ASP A 170 -1.13 -14.35 -0.20
CA ASP A 170 0.04 -15.16 -0.53
C ASP A 170 1.33 -14.36 -0.29
N SER A 171 2.51 -14.98 -0.53
CA SER A 171 3.77 -14.31 -0.25
C SER A 171 3.84 -13.01 -1.04
N TYR A 172 3.52 -13.07 -2.33
CA TYR A 172 3.56 -11.89 -3.20
C TYR A 172 2.75 -10.77 -2.60
N GLU A 173 1.54 -11.07 -2.16
CA GLU A 173 0.66 -10.03 -1.61
C GLU A 173 1.14 -9.55 -0.25
N LYS A 174 1.69 -10.44 0.58
CA LYS A 174 2.27 -9.99 1.84
C LYS A 174 3.45 -9.05 1.59
N LEU A 175 4.26 -9.34 0.59
CA LEU A 175 5.41 -8.48 0.28
C LEU A 175 4.94 -7.14 -0.28
N GLN A 176 3.83 -7.13 -1.03
CA GLN A 176 3.24 -5.89 -1.52
C GLN A 176 2.79 -5.01 -0.36
N LEU A 177 2.25 -5.61 0.70
CA LEU A 177 1.94 -4.86 1.90
C LEU A 177 3.22 -4.34 2.55
N ALA A 178 4.24 -5.21 2.68
CA ALA A 178 5.49 -4.79 3.30
C ALA A 178 6.08 -3.57 2.62
N ASP A 179 5.95 -3.49 1.28
CA ASP A 179 6.49 -2.35 0.52
C ASP A 179 5.97 -1.01 1.02
N ALA A 180 4.79 -0.99 1.64
CA ALA A 180 4.11 0.23 2.06
C ALA A 180 4.18 0.46 3.56
N LEU A 181 4.88 -0.39 4.32
CA LEU A 181 4.91 -0.28 5.77
C LEU A 181 6.14 0.45 6.26
N SER A 182 5.95 1.20 7.35
CA SER A 182 7.03 1.72 8.16
C SER A 182 6.72 1.39 9.61
N SER A 183 7.65 1.64 10.49
CA SER A 183 7.48 1.28 11.90
C SER A 183 7.36 2.54 12.76
N GLU A 184 6.58 2.45 13.83
CA GLU A 184 6.49 3.53 14.80
C GLU A 184 6.28 2.91 16.16
N GLU A 185 6.98 3.44 17.15
CA GLU A 185 6.91 2.96 18.52
C GLU A 185 6.27 4.02 19.40
N PHE A 186 5.60 3.54 20.45
CA PHE A 186 4.86 4.40 21.37
C PHE A 186 5.15 3.96 22.79
N SER A 187 5.40 4.92 23.66
CA SER A 187 5.53 4.62 25.08
CA SER A 187 5.53 4.63 25.08
C SER A 187 4.15 4.55 25.72
N PRO A 188 4.04 3.89 26.87
CA PRO A 188 2.74 3.78 27.53
C PRO A 188 2.13 5.17 27.73
N GLY A 189 0.85 5.29 27.43
CA GLY A 189 0.14 6.55 27.57
C GLY A 189 0.21 7.46 26.37
N GLU A 190 1.04 7.16 25.38
CA GLU A 190 1.03 7.93 24.14
C GLU A 190 -0.17 7.52 23.28
N TYR A 191 -0.74 8.51 22.60
CA TYR A 191 -1.88 8.29 21.73
C TYR A 191 -1.37 7.91 20.33
N ILE A 192 -1.82 6.76 19.86
CA ILE A 192 -1.57 6.32 18.50
C ILE A 192 -2.53 6.99 17.54
N ILE A 193 -3.82 7.04 17.92
CA ILE A 193 -4.87 7.74 17.20
C ILE A 193 -5.59 8.63 18.20
N HIS A 194 -5.87 9.88 17.79
CA HIS A 194 -6.77 10.76 18.52
C HIS A 194 -8.13 10.77 17.86
N TYR A 195 -9.16 10.78 18.69
CA TYR A 195 -10.54 11.02 18.26
C TYR A 195 -10.63 12.30 17.45
N GLY A 196 -11.45 12.29 16.41
CA GLY A 196 -11.80 13.51 15.70
C GLY A 196 -10.86 13.94 14.61
N GLU A 197 -9.98 13.06 14.15
CA GLU A 197 -9.00 13.41 13.14
CA GLU A 197 -8.99 13.41 13.13
C GLU A 197 -9.30 12.72 11.82
N GLU A 198 -8.58 13.15 10.78
CA GLU A 198 -8.84 12.67 9.43
C GLU A 198 -8.78 11.15 9.33
N GLY A 199 -7.85 10.55 10.03
CA GLY A 199 -7.80 9.10 10.00
C GLY A 199 -7.13 8.63 8.72
N GLU A 200 -5.81 8.73 8.76
CA GLU A 200 -4.94 8.57 7.61
C GLU A 200 -4.08 7.32 7.71
N TRP A 201 -4.13 6.62 8.85
CA TRP A 201 -3.13 5.62 9.17
C TRP A 201 -3.75 4.36 9.76
N LEU A 202 -3.31 3.23 9.26
CA LEU A 202 -3.68 1.93 9.79
C LEU A 202 -2.43 1.33 10.45
N TYR A 203 -2.61 0.78 11.63
CA TYR A 203 -1.50 0.25 12.43
C TYR A 203 -1.74 -1.22 12.68
N ILE A 204 -0.71 -2.03 12.49
CA ILE A 204 -0.72 -3.44 12.89
C ILE A 204 0.20 -3.54 14.09
N ILE A 205 -0.31 -4.08 15.17
CA ILE A 205 0.47 -4.14 16.41
C ILE A 205 1.49 -5.27 16.32
N MET A 206 2.77 -4.91 16.35
CA MET A 206 3.86 -5.89 16.36
C MET A 206 4.20 -6.33 17.77
N GLU A 207 4.03 -5.45 18.75
CA GLU A 207 4.24 -5.80 20.15
C GLU A 207 3.45 -4.83 21.00
N GLY A 208 2.90 -5.32 22.10
CA GLY A 208 2.26 -4.49 23.10
C GLY A 208 0.74 -4.52 23.04
N THR A 209 0.14 -3.68 23.88
CA THR A 209 -1.30 -3.60 24.03
C THR A 209 -1.76 -2.15 23.97
N VAL A 210 -2.96 -1.95 23.43
CA VAL A 210 -3.58 -0.64 23.30
C VAL A 210 -4.99 -0.69 23.86
N GLU A 211 -5.52 0.49 24.18
CA GLU A 211 -6.91 0.64 24.58
C GLU A 211 -7.61 1.61 23.64
N VAL A 212 -8.87 1.30 23.35
CA VAL A 212 -9.72 2.10 22.47
C VAL A 212 -10.67 2.86 23.38
N ILE A 213 -10.77 4.18 23.19
N ILE A 213 -10.71 4.19 23.21
CA ILE A 213 -11.52 5.05 24.07
CA ILE A 213 -11.50 5.10 24.05
C ILE A 213 -12.51 5.86 23.25
C ILE A 213 -12.53 5.82 23.18
N GLY A 214 -13.80 5.57 23.44
CA GLY A 214 -14.89 6.29 22.80
C GLY A 214 -15.39 7.42 23.68
N ARG A 215 -16.65 7.81 23.46
CA ARG A 215 -17.27 8.88 24.21
C ARG A 215 -18.66 8.43 24.63
N ASP A 216 -19.00 8.69 25.90
CA ASP A 216 -20.31 8.33 26.41
C ASP A 216 -21.36 9.39 26.05
N ALA A 217 -22.59 9.17 26.52
CA ALA A 217 -23.68 10.08 26.15
C ALA A 217 -23.43 11.50 26.64
N ASP A 218 -22.62 11.69 27.67
CA ASP A 218 -22.27 13.01 28.17
C ASP A 218 -21.01 13.57 27.50
N GLY A 219 -20.46 12.87 26.51
CA GLY A 219 -19.27 13.30 25.82
C GLY A 219 -17.97 12.96 26.51
N GLU A 220 -18.01 12.16 27.56
CA GLU A 220 -16.81 11.87 28.33
C GLU A 220 -16.11 10.63 27.79
N PRO A 221 -14.79 10.55 27.94
CA PRO A 221 -14.09 9.34 27.49
C PRO A 221 -14.63 8.10 28.19
N THR A 222 -14.73 7.01 27.43
CA THR A 222 -15.17 5.75 27.99
C THR A 222 -14.42 4.63 27.29
N LYS A 223 -13.88 3.69 28.04
CA LYS A 223 -13.06 2.63 27.46
C LYS A 223 -13.95 1.62 26.75
N VAL A 224 -13.62 1.32 25.49
CA VAL A 224 -14.39 0.38 24.69
C VAL A 224 -13.82 -1.03 24.77
N CYS A 225 -12.52 -1.18 24.56
CA CYS A 225 -11.88 -2.50 24.54
C CYS A 225 -10.37 -2.31 24.47
N GLU A 226 -9.65 -3.43 24.42
CA GLU A 226 -8.22 -3.47 24.18
C GLU A 226 -7.92 -4.31 22.95
N PHE A 227 -6.75 -4.08 22.36
CA PHE A 227 -6.19 -4.90 21.29
C PHE A 227 -4.72 -5.13 21.62
N THR A 228 -4.14 -6.14 20.98
CA THR A 228 -2.76 -6.51 21.28
C THR A 228 -2.07 -7.04 20.03
N GLN A 229 -0.92 -7.66 20.23
CA GLN A 229 -0.06 -8.09 19.12
C GLN A 229 -0.85 -8.89 18.09
N GLY A 230 -0.69 -8.51 16.83
CA GLY A 230 -1.38 -9.14 15.73
C GLY A 230 -2.66 -8.47 15.33
N ASP A 231 -3.23 -7.62 16.19
CA ASP A 231 -4.43 -6.88 15.89
C ASP A 231 -4.10 -5.62 15.10
N HIS A 232 -5.14 -5.02 14.56
CA HIS A 232 -5.00 -3.78 13.79
C HIS A 232 -5.99 -2.73 14.26
N ILE A 233 -5.61 -1.46 14.07
CA ILE A 233 -6.47 -0.32 14.34
C ILE A 233 -6.34 0.69 13.21
N GLY A 234 -7.40 1.46 13.00
CA GLY A 234 -7.42 2.52 12.00
C GLY A 234 -8.21 2.19 10.76
N GLU A 235 -8.67 0.95 10.60
CA GLU A 235 -9.32 0.59 9.36
C GLU A 235 -10.75 1.11 9.26
N LEU A 236 -11.42 1.43 10.37
CA LEU A 236 -12.85 1.72 10.27
C LEU A 236 -13.08 2.99 9.46
N GLU A 237 -12.25 3.99 9.68
CA GLU A 237 -12.36 5.24 8.93
C GLU A 237 -12.12 5.04 7.45
N PHE A 238 -11.22 4.09 7.11
CA PHE A 238 -10.90 3.80 5.73
C PHE A 238 -12.06 3.08 5.04
N LEU A 239 -12.74 2.20 5.78
CA LEU A 239 -13.85 1.43 5.22
C LEU A 239 -15.07 2.30 5.04
N ASN A 240 -15.36 3.20 5.99
CA ASN A 240 -16.63 3.90 6.06
C ASN A 240 -16.50 5.40 5.87
N ASN A 241 -15.32 5.88 5.52
CA ASN A 241 -15.10 7.26 5.09
C ASN A 241 -15.60 8.29 6.09
N HIS A 242 -15.04 8.22 7.31
CA HIS A 242 -15.37 9.20 8.33
C HIS A 242 -14.12 9.50 9.17
N ARG A 243 -14.18 10.59 9.92
CA ARG A 243 -13.09 10.93 10.83
C ARG A 243 -13.05 9.94 11.98
N THR A 244 -11.94 9.93 12.71
CA THR A 244 -11.76 8.94 13.76
C THR A 244 -12.78 9.12 14.88
N VAL A 245 -13.30 8.00 15.35
CA VAL A 245 -14.37 7.95 16.32
C VAL A 245 -13.91 7.45 17.67
N ALA A 246 -12.62 7.19 17.83
CA ALA A 246 -12.08 6.78 19.12
C ALA A 246 -10.62 7.18 19.20
N ASP A 247 -10.15 7.38 20.43
CA ASP A 247 -8.72 7.41 20.67
C ASP A 247 -8.22 5.97 20.73
N VAL A 248 -6.96 5.77 20.37
CA VAL A 248 -6.27 4.51 20.61
C VAL A 248 -4.98 4.86 21.33
N VAL A 249 -4.83 4.33 22.55
CA VAL A 249 -3.76 4.73 23.45
C VAL A 249 -2.91 3.51 23.80
N ALA A 250 -1.59 3.64 23.77
CA ALA A 250 -0.72 2.54 24.19
C ALA A 250 -0.87 2.30 25.69
N THR A 251 -1.11 1.06 26.09
CA THR A 251 -1.13 0.72 27.52
C THR A 251 0.17 0.08 27.99
N THR A 252 1.02 -0.38 27.09
CA THR A 252 2.38 -0.81 27.34
C THR A 252 3.23 -0.09 26.33
N HIS A 253 4.53 -0.32 26.34
N HIS A 253 4.52 -0.38 26.31
CA HIS A 253 5.28 0.04 25.15
CA HIS A 253 5.31 0.02 25.15
C HIS A 253 4.68 -0.71 23.97
C HIS A 253 4.83 -0.75 23.92
N VAL A 254 4.55 -0.03 22.84
CA VAL A 254 3.93 -0.60 21.65
C VAL A 254 4.82 -0.36 20.45
N ILE A 255 4.96 -1.38 19.63
CA ILE A 255 5.62 -1.26 18.33
C ILE A 255 4.56 -1.56 17.28
N THR A 256 4.45 -0.70 16.28
CA THR A 256 3.50 -0.87 15.20
C THR A 256 4.19 -0.88 13.85
N ALA A 257 3.55 -1.56 12.91
CA ALA A 257 3.76 -1.34 11.48
C ALA A 257 2.62 -0.47 11.01
N LYS A 258 2.92 0.53 10.20
CA LYS A 258 2.04 1.64 9.86
CA LYS A 258 2.03 1.64 9.86
C LYS A 258 1.85 1.69 8.35
N LEU A 259 0.60 1.80 7.91
CA LEU A 259 0.22 1.87 6.51
C LEU A 259 -0.60 3.13 6.25
N ASN A 260 -0.24 3.89 5.22
CA ASN A 260 -1.02 5.06 4.86
C ASN A 260 -2.28 4.68 4.06
N ARG A 261 -3.32 5.48 4.27
CA ARG A 261 -4.60 5.27 3.61
C ARG A 261 -4.45 5.22 2.09
N ARG A 262 -3.51 5.96 1.52
CA ARG A 262 -3.39 5.96 0.05
C ARG A 262 -2.99 4.60 -0.50
N HIS A 263 -2.43 3.72 0.33
CA HIS A 263 -2.01 2.39 -0.10
C HIS A 263 -2.98 1.31 0.34
N PHE A 264 -4.06 1.67 1.01
CA PHE A 264 -4.95 0.67 1.59
C PHE A 264 -5.58 -0.22 0.53
N GLU A 265 -6.13 0.39 -0.52
CA GLU A 265 -6.79 -0.39 -1.55
C GLU A 265 -5.83 -1.39 -2.19
N MET A 266 -4.63 -0.94 -2.55
CA MET A 266 -3.71 -1.83 -3.25
CA MET A 266 -3.71 -1.83 -3.24
C MET A 266 -3.27 -2.97 -2.35
N CYS A 267 -2.95 -2.70 -1.10
CA CYS A 267 -2.31 -3.67 -0.20
CA CYS A 267 -2.36 -3.83 -0.42
C CYS A 267 -3.32 -4.58 0.47
N LEU A 268 -4.45 -4.01 0.86
CA LEU A 268 -5.39 -4.72 1.70
C LEU A 268 -6.72 -4.95 1.02
N GLY A 269 -6.87 -4.53 -0.22
CA GLY A 269 -8.06 -4.82 -1.00
C GLY A 269 -8.52 -6.26 -0.87
N PRO A 270 -7.59 -7.21 -0.97
CA PRO A 270 -7.99 -8.62 -0.88
C PRO A 270 -8.51 -9.06 0.49
N VAL A 271 -8.31 -8.27 1.54
CA VAL A 271 -8.83 -8.64 2.85
C VAL A 271 -9.87 -7.66 3.36
N ILE A 272 -10.41 -6.81 2.49
CA ILE A 272 -11.44 -5.88 2.93
C ILE A 272 -12.64 -6.61 3.52
N ASP A 273 -13.05 -7.73 2.90
CA ASP A 273 -14.19 -8.45 3.47
C ASP A 273 -13.86 -9.06 4.83
N VAL A 274 -12.60 -9.41 5.07
CA VAL A 274 -12.20 -9.85 6.41
C VAL A 274 -12.34 -8.69 7.40
N LEU A 275 -11.87 -7.50 7.03
CA LEU A 275 -11.93 -6.35 7.92
C LEU A 275 -13.36 -5.95 8.23
N LYS A 276 -14.27 -6.12 7.27
CA LYS A 276 -15.67 -5.77 7.50
C LYS A 276 -16.37 -6.69 8.50
N ARG A 277 -15.76 -7.82 8.85
CA ARG A 277 -16.32 -8.76 9.83
C ARG A 277 -16.40 -8.17 11.21
N CYS A 278 -15.75 -7.05 11.46
CA CYS A 278 -15.84 -6.42 12.77
C CYS A 278 -17.28 -6.13 13.15
N ALA A 279 -18.17 -5.94 12.17
CA ALA A 279 -19.58 -5.68 12.50
C ALA A 279 -20.18 -6.78 13.35
N ASP A 280 -19.67 -8.01 13.24
CA ASP A 280 -20.19 -9.17 13.98
C ASP A 280 -19.42 -9.45 15.28
N ASP A 281 -18.43 -8.64 15.61
CA ASP A 281 -17.54 -8.84 16.74
C ASP A 281 -18.04 -8.00 17.90
N PRO A 282 -18.32 -8.57 19.08
CA PRO A 282 -18.86 -7.77 20.18
C PRO A 282 -17.96 -6.63 20.60
N LYS A 283 -16.66 -6.67 20.30
N LYS A 283 -16.66 -6.68 20.32
CA LYS A 283 -15.80 -5.56 20.65
CA LYS A 283 -15.79 -5.54 20.65
C LYS A 283 -16.12 -4.29 19.88
C LYS A 283 -16.22 -4.27 19.93
N TYR A 284 -16.92 -4.40 18.80
CA TYR A 284 -17.32 -3.27 17.98
C TYR A 284 -18.79 -2.89 18.15
N GLU A 285 -19.42 -3.33 19.25
CA GLU A 285 -20.79 -2.90 19.53
C GLU A 285 -20.88 -1.38 19.62
N TYR A 286 -19.92 -0.75 20.28
CA TYR A 286 -19.91 0.71 20.39
C TYR A 286 -19.92 1.36 18.99
N TYR A 287 -19.06 0.88 18.09
CA TYR A 287 -19.00 1.44 16.75
C TYR A 287 -20.31 1.26 16.01
N GLN A 288 -20.98 0.12 16.19
CA GLN A 288 -22.24 -0.07 15.49
C GLN A 288 -23.22 1.04 15.86
N ASN A 289 -23.20 1.44 17.13
CA ASN A 289 -24.08 2.53 17.56
C ASN A 289 -23.64 3.88 17.00
N VAL A 290 -22.32 4.11 16.88
CA VAL A 290 -21.84 5.30 16.20
C VAL A 290 -22.41 5.38 14.81
N LEU A 291 -22.38 4.26 14.09
CA LEU A 291 -22.89 4.28 12.72
C LEU A 291 -24.39 4.49 12.72
N LYS A 292 -25.10 3.84 13.62
CA LYS A 292 -26.55 3.92 13.61
C LYS A 292 -27.02 5.34 13.89
N THR A 293 -26.34 6.04 14.79
CA THR A 293 -26.75 7.38 15.18
C THR A 293 -26.06 8.47 14.38
N GLY A 294 -25.16 8.12 13.47
CA GLY A 294 -24.54 9.11 12.62
C GLY A 294 -23.51 9.98 13.32
N ALA A 295 -22.84 9.47 14.33
CA ALA A 295 -22.00 10.26 15.23
C ALA A 295 -20.59 10.47 14.69
N ALA A 296 -20.47 10.87 13.44
CA ALA A 296 -19.18 11.21 12.86
C ALA A 296 -19.42 12.02 11.59
N GLN A 297 -18.38 12.70 11.13
CA GLN A 297 -18.43 13.41 9.87
C GLN A 297 -17.52 12.76 8.84
N PRO A 298 -17.73 13.06 7.56
CA PRO A 298 -16.97 12.39 6.51
C PRO A 298 -15.48 12.68 6.55
N SER A 299 -14.76 11.75 5.90
CA SER A 299 -13.33 11.86 5.61
C SER A 299 -13.04 10.90 4.46
N TYR A 300 -12.44 11.41 3.39
CA TYR A 300 -12.16 10.62 2.21
C TYR A 300 -10.66 10.53 1.99
N VAL A 301 -10.25 9.47 1.28
CA VAL A 301 -8.85 9.30 0.92
C VAL A 301 -8.41 10.49 0.07
N ASP A 302 -7.15 10.89 0.24
CA ASP A 302 -6.60 12.04 -0.49
C ASP A 302 -6.18 11.68 -1.90
C1 EDO B . 8.39 -18.41 9.80
O1 EDO B . 9.09 -17.89 10.95
C2 EDO B . 6.95 -17.89 9.75
O2 EDO B . 6.30 -18.15 10.99
H11 EDO B . 8.92 -18.11 8.90
H12 EDO B . 8.38 -19.50 9.84
HO1 EDO B . 9.99 -18.24 10.96
H21 EDO B . 6.95 -16.81 9.55
H22 EDO B . 6.41 -18.39 8.95
HO2 EDO B . 5.40 -17.82 10.95
C1 EDO C . 2.62 -12.28 15.10
O1 EDO C . 3.60 -11.80 16.03
C2 EDO C . 1.27 -11.68 15.42
O2 EDO C . 0.93 -12.02 16.77
H11 EDO C . 2.92 -12.01 14.08
H12 EDO C . 2.57 -13.37 15.15
HO1 EDO C . 4.47 -12.19 15.81
H21 EDO C . 1.30 -10.61 15.31
H22 EDO C . 0.52 -12.08 14.74
HO2 EDO C . 0.06 -11.65 16.99
C1 EDO D . -15.61 11.97 14.12
O1 EDO D . -16.29 12.81 13.17
C2 EDO D . -16.34 11.99 15.47
O2 EDO D . -16.51 13.32 15.96
H11 EDO D . -15.57 10.95 13.74
H12 EDO D . -14.59 12.33 14.25
HO1 EDO D . -15.82 12.79 12.33
H21 EDO D . -17.31 11.51 15.36
H22 EDO D . -15.76 11.41 16.19
HO2 EDO D . -16.97 13.30 16.81
C1 7CI E . -10.80 1.57 16.62
N1 7CI E . -12.24 1.56 17.08
O1 7CI E . -10.27 2.87 16.77
C2 7CI E . -12.83 0.52 17.64
N2 7CI E . -12.32 -0.70 17.94
O2 7CI E . -9.50 0.59 14.90
C3 7CI E . -13.10 -1.57 18.60
N3 7CI E . -14.45 -1.27 18.88
O3 7CI E . -10.20 2.52 13.20
C4 7CI E . -15.00 -0.06 18.54
N4 7CI E . -16.44 3.75 17.48
C5 7CI E . -14.18 0.90 17.92
O5 7CI E . -16.23 0.10 18.78
C6 7CI E . -14.34 2.28 17.46
C7 7CI E . -13.09 2.62 16.97
C8 7CI E . -15.49 3.08 17.48
C9 7CI E . -10.69 1.25 15.17
C10 7CI E . -10.76 2.55 14.55
C11 7CI E . -9.88 3.39 15.50
C12 7CI E . -10.17 4.94 15.45
O4 7CI E . -11.53 5.17 15.49
H1 7CI E . -10.36 0.92 17.17
HO2 7CI E . -9.62 -0.09 14.42
H3 7CI E . -12.77 -2.42 18.78
HN3 7CI E . -14.94 -1.89 19.22
HO3 7CI E . -10.78 2.78 12.64
H7 7CI E . -12.78 3.38 16.54
H9 7CI E . -11.46 0.70 14.93
H10 7CI E . -11.68 2.86 14.56
H11 7CI E . -8.93 3.25 15.37
H122 7CI E . -9.78 5.34 14.66
H121 7CI E . -9.76 5.35 16.22
HO4 7CI E . -11.71 5.93 15.16
C1 7CI F . 3.99 -10.19 -11.97
N1 7CI F . 4.01 -11.44 -11.15
O1 7CI F . 4.33 -10.53 -13.31
C2 7CI F . 3.13 -11.72 -10.20
N2 7CI F . 2.09 -10.99 -9.73
O2 7CI F . 4.52 -7.94 -11.73
C3 7CI F . 1.36 -11.51 -8.72
N3 7CI F . 1.66 -12.77 -8.19
O3 7CI F . 7.00 -8.38 -12.46
C4 7CI F . 2.69 -13.51 -8.66
N4 7CI F . 5.88 -15.74 -10.17
C5 7CI F . 3.48 -13.01 -9.69
O5 7CI F . 2.90 -14.63 -8.11
C6 7CI F . 4.63 -13.50 -10.44
C7 7CI F . 4.89 -12.46 -11.35
C8 7CI F . 5.31 -14.73 -10.29
C9 7CI F . 4.98 -9.21 -11.53
C10 7CI F . 6.13 -9.52 -12.35
C11 7CI F . 5.48 -9.81 -13.70
C12 7CI F . 6.40 -10.71 -14.65
O4 7CI F . 6.91 -11.81 -13.95
H1 7CI F . 3.08 -9.85 -11.90
HO2 7CI F . 4.68 -7.43 -11.06
H3 7CI F . 0.64 -11.01 -8.38
HN3 7CI F . 1.16 -13.06 -7.54
HO3 7CI F . 7.77 -8.59 -12.20
H7 7CI F . 5.54 -12.37 -12.00
H9 7CI F . 5.16 -9.39 -10.60
H10 7CI F . 6.57 -10.30 -12.00
H11 7CI F . 5.24 -9.01 -14.18
H122 7CI F . 5.91 -10.99 -15.43
H121 7CI F . 7.14 -10.16 -14.95
HO4 7CI F . 7.75 -11.87 -14.05
#